data_7XRR
#
_entry.id   7XRR
#
_cell.length_a   49.590
_cell.length_b   90.230
_cell.length_c   112.320
_cell.angle_alpha   90.000
_cell.angle_beta   90.000
_cell.angle_gamma   90.000
#
_symmetry.space_group_name_H-M   'P 21 21 21'
#
loop_
_entity.id
_entity.type
_entity.pdbx_description
1 polymer 'Orexin receptor type 2'
2 non-polymer (1~{R},2~{S})-2-[(2,4-dimethylpyrimidin-5-yl)oxymethyl]-~{N}-(5-fluoranylpyridin-2-yl)-2-(3-fluorophenyl)cyclopropane-1-carboxamide
#
_entity_poly.entity_id   1
_entity_poly.type   'polypeptide(L)'
_entity_poly.pdbx_seq_one_letter_code
;GPLEDYDDEEFLRYLWREYLHPKEYEWVLIAGYIIVFVVALIGNVLVCVAVWKNHHMRTVTNYFIVNLSLAAVLVTITCL
PATLVVDITETWFFGQSLCKVIPYLQTVSVSVSVWTLSAIALDRWYAICHPLMFKSTAKRARNSIVIIWIVSCIIMIPQA
IVMECSTVFPGLAQKTTLFTVCDERWGGEIYPKMYHICFFLVTYMAPLCLMVLAYLQIFRKLWCRQIPGVAAEIKQIRAR
RKTARMLMIVLLVFAICYLPISILNVLKRVFGMFAHTEDRETVYAWFTFSHWLVYANSAANPIIYNFLSGKFREEFKAAF
SCCCLGVHHRQEDRLLEVLFQ
;
_entity_poly.pdbx_strand_id   A
#
loop_
_chem_comp.id
_chem_comp.type
_chem_comp.name
_chem_comp.formula
NRK non-polymer (1~{R},2~{S})-2-[(2,4-dimethylpyrimidin-5-yl)oxymethyl]-~{N}-(5-fluoranylpyridin-2-yl)-2-(3-fluorophenyl)cyclopropane-1-carboxamide 'C22 H20 F2 N4 O2'
#
# COMPACT_ATOMS: atom_id res chain seq x y z
N GLU A 9 -14.22 29.61 9.91
CA GLU A 9 -15.23 29.25 10.90
C GLU A 9 -15.10 27.80 11.32
N GLU A 10 -14.92 26.91 10.34
CA GLU A 10 -14.74 25.49 10.65
C GLU A 10 -13.47 25.26 11.45
N PHE A 11 -12.41 26.00 11.15
CA PHE A 11 -11.18 25.90 11.93
C PHE A 11 -11.42 26.37 13.36
N LEU A 12 -12.21 27.43 13.54
CA LEU A 12 -12.54 27.91 14.87
C LEU A 12 -13.31 26.86 15.66
N ARG A 13 -14.26 26.18 15.00
CA ARG A 13 -15.01 25.12 15.67
C ARG A 13 -14.11 23.96 16.06
N TYR A 14 -13.08 23.67 15.25
CA TYR A 14 -12.12 22.63 15.62
C TYR A 14 -11.35 23.03 16.86
N LEU A 15 -10.95 24.30 16.97
CA LEU A 15 -10.23 24.75 18.15
C LEU A 15 -11.12 24.63 19.40
N TRP A 16 -12.41 24.94 19.26
CA TRP A 16 -13.34 24.72 20.36
C TRP A 16 -13.44 23.24 20.72
N ARG A 17 -13.52 22.37 19.71
CA ARG A 17 -13.67 20.94 19.96
C ARG A 17 -12.40 20.35 20.57
N GLU A 18 -11.23 20.68 19.99
CA GLU A 18 -9.99 20.13 20.50
C GLU A 18 -9.66 20.65 21.89
N TYR A 19 -10.20 21.80 22.28
CA TYR A 19 -10.02 22.29 23.64
C TYR A 19 -10.91 21.54 24.63
N LEU A 20 -12.18 21.34 24.28
CA LEU A 20 -13.10 20.63 25.15
C LEU A 20 -12.81 19.13 25.17
N HIS A 21 -12.12 18.60 24.16
CA HIS A 21 -11.73 17.20 24.08
C HIS A 21 -10.24 17.14 23.80
N PRO A 22 -9.41 17.43 24.80
CA PRO A 22 -7.96 17.48 24.57
C PRO A 22 -7.39 16.08 24.34
N LYS A 23 -6.62 15.94 23.26
CA LYS A 23 -5.94 14.69 22.96
C LYS A 23 -4.50 14.75 23.47
N GLU A 24 -4.00 13.61 23.94
CA GLU A 24 -2.74 13.62 24.68
C GLU A 24 -1.52 13.58 23.76
N TYR A 25 -1.62 12.85 22.65
CA TYR A 25 -0.45 12.53 21.83
C TYR A 25 -0.68 12.86 20.36
N GLU A 26 -1.16 14.07 20.09
CA GLU A 26 -1.22 14.53 18.71
C GLU A 26 0.16 14.77 18.13
N TRP A 27 1.10 15.22 18.96
CA TRP A 27 2.42 15.58 18.46
C TRP A 27 3.17 14.38 17.92
N VAL A 28 3.05 13.23 18.58
CA VAL A 28 3.73 12.03 18.09
C VAL A 28 3.12 11.59 16.76
N LEU A 29 1.80 11.74 16.61
CA LEU A 29 1.17 11.42 15.34
C LEU A 29 1.65 12.35 14.23
N ILE A 30 1.76 13.64 14.52
CA ILE A 30 2.25 14.59 13.53
C ILE A 30 3.68 14.26 13.13
N ALA A 31 4.53 13.99 14.13
CA ALA A 31 5.93 13.67 13.84
C ALA A 31 6.05 12.39 13.03
N GLY A 32 5.28 11.36 13.40
CA GLY A 32 5.32 10.12 12.64
C GLY A 32 4.85 10.29 11.22
N TYR A 33 3.78 11.06 11.01
CA TYR A 33 3.29 11.29 9.66
C TYR A 33 4.30 12.09 8.84
N ILE A 34 4.97 13.07 9.45
CA ILE A 34 5.97 13.85 8.72
C ILE A 34 7.15 12.96 8.33
N ILE A 35 7.63 12.15 9.27
CA ILE A 35 8.74 11.24 8.98
C ILE A 35 8.36 10.27 7.88
N VAL A 36 7.16 9.69 7.96
CA VAL A 36 6.70 8.74 6.96
C VAL A 36 6.60 9.42 5.59
N PHE A 37 6.04 10.63 5.55
CA PHE A 37 5.93 11.35 4.29
C PHE A 37 7.30 11.55 3.66
N VAL A 38 8.26 12.09 4.42
CA VAL A 38 9.57 12.39 3.86
C VAL A 38 10.27 11.12 3.42
N VAL A 39 10.26 10.08 4.28
CA VAL A 39 10.97 8.85 3.97
C VAL A 39 10.34 8.16 2.76
N ALA A 40 9.01 8.07 2.72
CA ALA A 40 8.35 7.43 1.60
C ALA A 40 8.64 8.16 0.30
N LEU A 41 8.51 9.49 0.30
CA LEU A 41 8.77 10.24 -0.93
C LEU A 41 10.20 10.03 -1.40
N ILE A 42 11.18 10.21 -0.51
CA ILE A 42 12.57 10.09 -0.91
C ILE A 42 12.87 8.68 -1.40
N GLY A 43 12.42 7.67 -0.64
CA GLY A 43 12.75 6.29 -0.98
C GLY A 43 12.12 5.83 -2.28
N ASN A 44 10.84 6.16 -2.50
CA ASN A 44 10.19 5.71 -3.72
C ASN A 44 10.73 6.46 -4.94
N VAL A 45 11.03 7.75 -4.79
CA VAL A 45 11.67 8.49 -5.88
C VAL A 45 13.03 7.89 -6.19
N LEU A 46 13.78 7.51 -5.15
CA LEU A 46 15.09 6.89 -5.36
C LEU A 46 14.95 5.54 -6.05
N VAL A 47 13.93 4.76 -5.69
CA VAL A 47 13.69 3.47 -6.36
C VAL A 47 13.44 3.68 -7.84
N CYS A 48 12.54 4.61 -8.17
CA CYS A 48 12.24 4.88 -9.57
C CYS A 48 13.48 5.37 -10.31
N VAL A 49 14.24 6.27 -9.69
CA VAL A 49 15.44 6.82 -10.31
C VAL A 49 16.46 5.72 -10.55
N ALA A 50 16.67 4.87 -9.55
CA ALA A 50 17.67 3.81 -9.66
C ALA A 50 17.30 2.82 -10.76
N VAL A 51 16.03 2.45 -10.86
CA VAL A 51 15.64 1.50 -11.90
C VAL A 51 15.72 2.14 -13.27
N TRP A 52 15.31 3.41 -13.38
CA TRP A 52 15.26 4.06 -14.69
C TRP A 52 16.63 4.47 -15.19
N LYS A 53 17.59 4.71 -14.29
CA LYS A 53 18.89 5.23 -14.73
C LYS A 53 19.81 4.12 -15.21
N ASN A 54 19.74 2.94 -14.59
CA ASN A 54 20.63 1.84 -14.93
C ASN A 54 19.87 0.69 -15.55
N HIS A 55 20.57 -0.07 -16.40
CA HIS A 55 19.96 -1.18 -17.13
C HIS A 55 20.16 -2.52 -16.45
N HIS A 56 21.15 -2.66 -15.57
CA HIS A 56 21.36 -3.92 -14.87
C HIS A 56 20.30 -4.17 -13.81
N MET A 57 19.56 -3.13 -13.40
CA MET A 57 18.44 -3.27 -12.48
C MET A 57 17.10 -3.28 -13.21
N ARG A 58 17.10 -3.44 -14.53
CA ARG A 58 15.87 -3.34 -15.31
C ARG A 58 15.32 -4.75 -15.54
N THR A 59 14.69 -5.28 -14.50
CA THR A 59 14.01 -6.57 -14.57
C THR A 59 12.50 -6.38 -14.40
N VAL A 60 11.75 -7.40 -14.81
CA VAL A 60 10.29 -7.34 -14.73
C VAL A 60 9.84 -7.11 -13.30
N THR A 61 10.46 -7.82 -12.35
CA THR A 61 10.19 -7.57 -10.94
C THR A 61 10.47 -6.12 -10.58
N ASN A 62 11.56 -5.56 -11.12
CA ASN A 62 11.86 -4.16 -10.84
C ASN A 62 10.89 -3.21 -11.54
N TYR A 63 10.35 -3.60 -12.71
CA TYR A 63 9.31 -2.78 -13.34
C TYR A 63 8.07 -2.73 -12.46
N PHE A 64 7.65 -3.88 -11.91
CA PHE A 64 6.51 -3.89 -11.01
C PHE A 64 6.81 -3.11 -9.74
N ILE A 65 8.05 -3.18 -9.25
CA ILE A 65 8.45 -2.40 -8.07
C ILE A 65 8.36 -0.91 -8.38
N VAL A 66 8.73 -0.52 -9.61
CA VAL A 66 8.60 0.88 -10.01
C VAL A 66 7.15 1.30 -10.02
N ASN A 67 6.26 0.45 -10.54
CA ASN A 67 4.83 0.77 -10.52
C ASN A 67 4.32 0.93 -9.09
N LEU A 68 4.76 0.03 -8.19
CA LEU A 68 4.38 0.13 -6.80
C LEU A 68 4.88 1.43 -6.17
N SER A 69 6.12 1.82 -6.49
CA SER A 69 6.66 3.06 -5.94
C SER A 69 5.93 4.28 -6.49
N LEU A 70 5.51 4.23 -7.76
CA LEU A 70 4.72 5.32 -8.32
C LEU A 70 3.39 5.46 -7.60
N ALA A 71 2.71 4.32 -7.36
CA ALA A 71 1.47 4.37 -6.60
C ALA A 71 1.71 4.91 -5.19
N ALA A 72 2.83 4.50 -4.58
CA ALA A 72 3.17 4.97 -3.24
C ALA A 72 3.39 6.47 -3.21
N VAL A 73 4.08 7.01 -4.22
CA VAL A 73 4.28 8.46 -4.30
C VAL A 73 2.95 9.16 -4.49
N LEU A 74 2.07 8.59 -5.32
CA LEU A 74 0.75 9.18 -5.50
C LEU A 74 0.00 9.26 -4.18
N VAL A 75 0.02 8.18 -3.41
CA VAL A 75 -0.66 8.19 -2.10
C VAL A 75 -0.01 9.19 -1.17
N THR A 76 1.33 9.23 -1.14
CA THR A 76 2.04 10.09 -0.20
C THR A 76 1.76 11.56 -0.48
N ILE A 77 1.65 11.92 -1.76
CA ILE A 77 1.42 13.32 -2.09
C ILE A 77 -0.05 13.69 -1.96
N THR A 78 -0.95 12.83 -2.44
CA THR A 78 -2.36 13.21 -2.54
C THR A 78 -3.22 12.74 -1.38
N CYS A 79 -2.80 11.74 -0.61
CA CYS A 79 -3.66 11.15 0.40
C CYS A 79 -3.12 11.26 1.82
N LEU A 80 -1.80 11.32 2.00
CA LEU A 80 -1.24 11.37 3.36
C LEU A 80 -1.63 12.65 4.09
N PRO A 81 -1.46 13.86 3.54
CA PRO A 81 -1.86 15.05 4.31
C PRO A 81 -3.35 15.08 4.65
N ALA A 82 -4.21 14.64 3.72
CA ALA A 82 -5.63 14.60 4.00
C ALA A 82 -5.95 13.64 5.15
N THR A 83 -5.32 12.46 5.13
CA THR A 83 -5.55 11.49 6.19
C THR A 83 -5.06 12.03 7.53
N LEU A 84 -3.91 12.70 7.54
CA LEU A 84 -3.40 13.27 8.79
C LEU A 84 -4.35 14.35 9.31
N VAL A 85 -4.84 15.22 8.43
CA VAL A 85 -5.75 16.29 8.86
C VAL A 85 -7.04 15.70 9.40
N VAL A 86 -7.57 14.67 8.74
CA VAL A 86 -8.81 14.05 9.22
C VAL A 86 -8.58 13.36 10.56
N ASP A 87 -7.44 12.69 10.72
CA ASP A 87 -7.19 11.98 11.97
C ASP A 87 -6.91 12.94 13.13
N ILE A 88 -6.40 14.14 12.83
CA ILE A 88 -6.13 15.10 13.90
C ILE A 88 -7.38 15.88 14.25
N THR A 89 -8.08 16.40 13.23
CA THR A 89 -9.19 17.33 13.43
C THR A 89 -10.55 16.67 13.42
N GLU A 90 -10.67 15.46 12.86
CA GLU A 90 -11.94 14.76 12.68
C GLU A 90 -12.90 15.55 11.79
N THR A 91 -12.38 16.44 10.95
CA THR A 91 -13.18 17.20 9.99
C THR A 91 -12.49 17.13 8.64
N TRP A 92 -13.24 17.43 7.58
CA TRP A 92 -12.68 17.23 6.24
C TRP A 92 -11.80 18.40 5.81
N PHE A 93 -12.37 19.60 5.73
CA PHE A 93 -11.78 20.90 5.37
C PHE A 93 -11.49 21.04 3.87
N PHE A 94 -11.69 20.01 3.04
CA PHE A 94 -11.13 20.04 1.69
C PHE A 94 -12.17 20.15 0.58
N GLY A 95 -13.42 19.81 0.83
CA GLY A 95 -14.46 20.02 -0.16
C GLY A 95 -14.92 18.72 -0.80
N GLN A 96 -16.09 18.80 -1.44
CA GLN A 96 -16.73 17.61 -2.00
C GLN A 96 -15.92 17.02 -3.15
N SER A 97 -15.36 17.87 -4.02
CA SER A 97 -14.60 17.37 -5.16
C SER A 97 -13.33 16.66 -4.69
N LEU A 98 -12.55 17.32 -3.84
CA LEU A 98 -11.34 16.69 -3.32
C LEU A 98 -11.67 15.44 -2.52
N CYS A 99 -12.84 15.38 -1.89
CA CYS A 99 -13.23 14.16 -1.18
C CYS A 99 -13.58 13.04 -2.14
N LYS A 100 -14.30 13.34 -3.21
CA LYS A 100 -14.57 12.30 -4.20
C LYS A 100 -13.30 11.86 -4.91
N VAL A 101 -12.25 12.67 -4.87
CA VAL A 101 -10.99 12.32 -5.53
C VAL A 101 -10.09 11.49 -4.61
N ILE A 102 -9.87 11.92 -3.36
CA ILE A 102 -8.76 11.41 -2.56
C ILE A 102 -9.00 9.97 -2.09
N PRO A 103 -10.11 9.63 -1.42
CA PRO A 103 -10.35 8.21 -1.13
C PRO A 103 -10.39 7.32 -2.36
N TYR A 104 -10.91 7.83 -3.48
CA TYR A 104 -10.90 7.07 -4.72
C TYR A 104 -9.48 6.71 -5.12
N LEU A 105 -8.59 7.71 -5.15
CA LEU A 105 -7.19 7.45 -5.50
C LEU A 105 -6.52 6.53 -4.50
N GLN A 106 -6.83 6.70 -3.21
CA GLN A 106 -6.21 5.87 -2.18
C GLN A 106 -6.59 4.40 -2.35
N THR A 107 -7.88 4.13 -2.54
CA THR A 107 -8.32 2.75 -2.74
C THR A 107 -7.79 2.18 -4.05
N VAL A 108 -7.79 2.99 -5.12
CA VAL A 108 -7.27 2.53 -6.40
C VAL A 108 -5.80 2.13 -6.25
N SER A 109 -5.01 2.96 -5.56
CA SER A 109 -3.60 2.66 -5.40
CA SER A 109 -3.59 2.67 -5.40
C SER A 109 -3.36 1.48 -4.46
N VAL A 110 -4.21 1.29 -3.46
CA VAL A 110 -4.09 0.10 -2.60
C VAL A 110 -4.30 -1.16 -3.42
N SER A 111 -5.36 -1.16 -4.25
CA SER A 111 -5.60 -2.29 -5.14
C SER A 111 -4.44 -2.47 -6.11
N VAL A 112 -3.93 -1.38 -6.66
CA VAL A 112 -2.81 -1.45 -7.60
C VAL A 112 -1.59 -2.07 -6.95
N SER A 113 -1.28 -1.66 -5.71
CA SER A 113 -0.11 -2.19 -5.02
C SER A 113 -0.28 -3.67 -4.73
N VAL A 114 -1.45 -4.07 -4.22
CA VAL A 114 -1.61 -5.48 -3.84
C VAL A 114 -1.59 -6.36 -5.08
N TRP A 115 -2.22 -5.92 -6.17
CA TRP A 115 -2.20 -6.74 -7.38
C TRP A 115 -0.87 -6.68 -8.12
N THR A 116 -0.10 -5.61 -7.93
CA THR A 116 1.26 -5.58 -8.46
C THR A 116 2.15 -6.58 -7.72
N LEU A 117 2.02 -6.65 -6.40
CA LEU A 117 2.71 -7.68 -5.64
C LEU A 117 2.26 -9.07 -6.09
N SER A 118 0.97 -9.25 -6.35
CA SER A 118 0.47 -10.52 -6.84
C SER A 118 1.07 -10.86 -8.21
N ALA A 119 1.20 -9.85 -9.08
CA ALA A 119 1.81 -10.06 -10.39
C ALA A 119 3.28 -10.47 -10.25
N ILE A 120 4.00 -9.84 -9.33
CA ILE A 120 5.38 -10.24 -9.06
C ILE A 120 5.44 -11.70 -8.64
N ALA A 121 4.56 -12.08 -7.71
CA ALA A 121 4.53 -13.45 -7.24
C ALA A 121 4.22 -14.42 -8.36
N LEU A 122 3.24 -14.08 -9.21
CA LEU A 122 2.86 -14.95 -10.31
C LEU A 122 3.99 -15.11 -11.32
N ASP A 123 4.68 -14.01 -11.65
CA ASP A 123 5.80 -14.10 -12.58
C ASP A 123 6.93 -14.93 -12.00
N ARG A 124 7.23 -14.76 -10.72
CA ARG A 124 8.28 -15.57 -10.10
C ARG A 124 7.88 -17.04 -10.06
N TRP A 125 6.60 -17.33 -9.80
CA TRP A 125 6.13 -18.71 -9.83
C TRP A 125 6.26 -19.32 -11.21
N TYR A 126 5.91 -18.55 -12.25
CA TYR A 126 6.05 -19.04 -13.62
C TYR A 126 7.52 -19.27 -13.96
N ALA A 127 8.42 -18.41 -13.47
CA ALA A 127 9.83 -18.54 -13.79
C ALA A 127 10.50 -19.67 -13.01
N ILE A 128 10.02 -19.99 -11.81
CA ILE A 128 10.71 -20.90 -10.90
C ILE A 128 9.95 -22.22 -10.76
N CYS A 129 8.66 -22.16 -10.45
CA CYS A 129 7.90 -23.36 -10.12
C CYS A 129 7.30 -24.04 -11.35
N HIS A 130 6.85 -23.27 -12.33
CA HIS A 130 6.26 -23.88 -13.52
C HIS A 130 7.32 -24.68 -14.26
N PRO A 131 6.98 -25.86 -14.78
CA PRO A 131 8.01 -26.73 -15.38
C PRO A 131 8.70 -26.12 -16.59
N LEU A 132 8.13 -25.07 -17.20
CA LEU A 132 8.73 -24.44 -18.37
C LEU A 132 9.58 -23.23 -18.03
N MET A 133 9.51 -22.73 -16.80
CA MET A 133 10.34 -21.62 -16.33
C MET A 133 10.22 -20.42 -17.28
N PHE A 134 9.01 -19.89 -17.36
CA PHE A 134 8.71 -18.82 -18.30
C PHE A 134 9.50 -17.56 -17.95
N LYS A 135 10.03 -16.91 -18.99
CA LYS A 135 10.72 -15.62 -18.87
C LYS A 135 9.82 -14.55 -19.46
N SER A 136 9.23 -13.71 -18.60
CA SER A 136 8.29 -12.71 -19.06
C SER A 136 8.99 -11.60 -19.83
N THR A 137 8.29 -11.09 -20.84
CA THR A 137 8.79 -9.98 -21.64
C THR A 137 8.36 -8.64 -21.05
N ALA A 138 9.07 -7.59 -21.44
CA ALA A 138 8.70 -6.25 -20.98
C ALA A 138 7.32 -5.85 -21.47
N LYS A 139 6.94 -6.31 -22.67
CA LYS A 139 5.59 -6.05 -23.17
C LYS A 139 4.55 -6.61 -22.22
N ARG A 140 4.75 -7.86 -21.77
CA ARG A 140 3.78 -8.48 -20.87
C ARG A 140 3.72 -7.75 -19.53
N ALA A 141 4.88 -7.33 -19.01
CA ALA A 141 4.89 -6.60 -17.75
C ALA A 141 4.16 -5.27 -17.86
N ARG A 142 4.40 -4.53 -18.95
CA ARG A 142 3.72 -3.26 -19.13
C ARG A 142 2.23 -3.44 -19.34
N ASN A 143 1.82 -4.47 -20.09
CA ASN A 143 0.41 -4.76 -20.26
C ASN A 143 -0.25 -5.12 -18.94
N SER A 144 0.44 -5.91 -18.11
CA SER A 144 -0.10 -6.25 -16.80
C SER A 144 -0.25 -5.02 -15.92
N ILE A 145 0.74 -4.12 -15.94
CA ILE A 145 0.64 -2.89 -15.16
C ILE A 145 -0.55 -2.06 -15.63
N VAL A 146 -0.72 -1.93 -16.95
CA VAL A 146 -1.81 -1.12 -17.48
C VAL A 146 -3.15 -1.72 -17.11
N ILE A 147 -3.30 -3.04 -17.24
CA ILE A 147 -4.58 -3.67 -16.92
C ILE A 147 -4.86 -3.59 -15.43
N ILE A 148 -3.82 -3.69 -14.59
CA ILE A 148 -4.01 -3.53 -13.15
C ILE A 148 -4.53 -2.14 -12.84
N TRP A 149 -3.91 -1.11 -13.44
CA TRP A 149 -4.36 0.25 -13.21
C TRP A 149 -5.80 0.45 -13.66
N ILE A 150 -6.13 -0.04 -14.85
CA ILE A 150 -7.47 0.16 -15.40
C ILE A 150 -8.51 -0.56 -14.54
N VAL A 151 -8.25 -1.80 -14.16
CA VAL A 151 -9.20 -2.56 -13.35
C VAL A 151 -9.37 -1.91 -11.98
N SER A 152 -8.28 -1.45 -11.37
CA SER A 152 -8.38 -0.77 -10.09
C SER A 152 -9.20 0.51 -10.20
N CYS A 153 -9.01 1.26 -11.28
CA CYS A 153 -9.80 2.48 -11.47
C CYS A 153 -11.27 2.16 -11.68
N ILE A 154 -11.57 1.06 -12.38
CA ILE A 154 -12.95 0.72 -12.68
C ILE A 154 -13.67 0.22 -11.43
N ILE A 155 -13.04 -0.68 -10.67
CA ILE A 155 -13.73 -1.32 -9.56
C ILE A 155 -13.93 -0.39 -8.37
N MET A 156 -13.20 0.73 -8.32
CA MET A 156 -13.33 1.69 -7.23
C MET A 156 -14.25 2.85 -7.57
N ILE A 157 -14.95 2.77 -8.70
CA ILE A 157 -15.91 3.82 -9.05
C ILE A 157 -17.01 3.98 -8.00
N PRO A 158 -17.66 2.90 -7.50
CA PRO A 158 -18.66 3.09 -6.45
C PRO A 158 -18.10 3.73 -5.19
N GLN A 159 -16.81 3.49 -4.89
CA GLN A 159 -16.19 4.14 -3.74
C GLN A 159 -16.22 5.66 -3.89
N ALA A 160 -15.87 6.16 -5.07
CA ALA A 160 -15.95 7.59 -5.31
C ALA A 160 -17.40 8.07 -5.39
N ILE A 161 -18.31 7.20 -5.83
CA ILE A 161 -19.71 7.57 -5.93
C ILE A 161 -20.30 7.83 -4.55
N VAL A 162 -19.99 6.96 -3.58
CA VAL A 162 -20.65 7.02 -2.27
C VAL A 162 -20.05 8.04 -1.32
N MET A 163 -18.97 8.73 -1.71
CA MET A 163 -18.35 9.72 -0.83
C MET A 163 -19.18 11.00 -0.84
N GLU A 164 -19.64 11.43 0.34
CA GLU A 164 -20.43 12.63 0.49
C GLU A 164 -19.99 13.39 1.71
N CYS A 165 -20.03 14.72 1.64
CA CYS A 165 -19.65 15.61 2.73
C CYS A 165 -20.87 15.90 3.59
N SER A 166 -21.05 15.11 4.65
CA SER A 166 -22.12 15.37 5.61
C SER A 166 -21.72 16.50 6.55
N THR A 167 -22.73 17.23 7.02
CA THR A 167 -22.55 18.36 7.91
C THR A 167 -23.14 18.09 9.29
N VAL A 168 -22.96 16.87 9.78
CA VAL A 168 -23.46 16.49 11.09
C VAL A 168 -22.31 16.26 12.06
N THR A 177 -20.02 21.82 19.78
CA THR A 177 -19.99 22.17 18.37
C THR A 177 -19.87 20.93 17.49
N LEU A 178 -20.49 20.97 16.32
CA LEU A 178 -20.46 19.87 15.37
C LEU A 178 -19.36 20.11 14.34
N PHE A 179 -19.34 19.29 13.30
CA PHE A 179 -18.27 19.32 12.32
C PHE A 179 -18.79 18.81 10.98
N THR A 180 -18.00 19.06 9.94
CA THR A 180 -18.29 18.58 8.59
C THR A 180 -17.32 17.46 8.25
N VAL A 181 -17.86 16.29 7.94
CA VAL A 181 -17.05 15.10 7.69
C VAL A 181 -17.49 14.48 6.36
N CYS A 182 -16.52 14.10 5.54
CA CYS A 182 -16.82 13.37 4.32
C CYS A 182 -16.73 11.87 4.60
N ASP A 183 -17.84 11.17 4.37
CA ASP A 183 -17.93 9.75 4.69
C ASP A 183 -18.65 9.05 3.54
N GLU A 184 -19.05 7.81 3.77
CA GLU A 184 -19.75 7.01 2.77
C GLU A 184 -21.26 7.09 3.04
N ARG A 185 -22.01 7.55 2.05
CA ARG A 185 -23.46 7.65 2.12
C ARG A 185 -24.06 6.65 1.14
N TRP A 186 -24.78 5.66 1.67
CA TRP A 186 -25.41 4.62 0.86
C TRP A 186 -26.92 4.66 1.07
N GLY A 187 -27.65 4.18 0.06
CA GLY A 187 -29.10 4.16 0.15
C GLY A 187 -29.60 3.16 1.18
N GLY A 188 -29.06 1.95 1.16
CA GLY A 188 -29.50 0.87 2.02
C GLY A 188 -28.45 0.47 3.04
N GLU A 189 -28.84 -0.49 3.88
CA GLU A 189 -27.99 -1.02 4.93
C GLU A 189 -27.38 -2.38 4.56
N ILE A 190 -27.59 -2.85 3.33
CA ILE A 190 -27.06 -4.12 2.87
C ILE A 190 -26.02 -3.93 1.78
N TYR A 191 -26.27 -3.03 0.83
CA TYR A 191 -25.30 -2.72 -0.22
C TYR A 191 -23.92 -2.36 0.32
N PRO A 192 -23.77 -1.49 1.34
CA PRO A 192 -22.42 -1.24 1.86
C PRO A 192 -21.73 -2.50 2.35
N LYS A 193 -22.46 -3.40 3.00
CA LYS A 193 -21.84 -4.59 3.55
C LYS A 193 -21.35 -5.53 2.46
N MET A 194 -22.16 -5.74 1.41
CA MET A 194 -21.71 -6.55 0.29
C MET A 194 -20.53 -5.91 -0.42
N TYR A 195 -20.58 -4.58 -0.63
CA TYR A 195 -19.49 -3.91 -1.30
C TYR A 195 -18.20 -4.01 -0.50
N HIS A 196 -18.28 -3.89 0.82
CA HIS A 196 -17.07 -3.96 1.64
C HIS A 196 -16.58 -5.39 1.81
N ILE A 197 -17.47 -6.38 1.76
CA ILE A 197 -17.02 -7.77 1.69
C ILE A 197 -16.21 -7.99 0.43
N CYS A 198 -16.72 -7.51 -0.70
CA CYS A 198 -15.97 -7.62 -1.96
C CYS A 198 -14.67 -6.84 -1.88
N PHE A 199 -14.68 -5.67 -1.25
CA PHE A 199 -13.48 -4.86 -1.10
C PHE A 199 -12.42 -5.60 -0.30
N PHE A 200 -12.82 -6.22 0.82
CA PHE A 200 -11.87 -6.97 1.63
C PHE A 200 -11.33 -8.18 0.87
N LEU A 201 -12.19 -8.87 0.12
CA LEU A 201 -11.74 -10.05 -0.61
C LEU A 201 -10.78 -9.67 -1.74
N VAL A 202 -11.03 -8.54 -2.41
CA VAL A 202 -10.23 -8.15 -3.56
C VAL A 202 -8.91 -7.51 -3.11
N THR A 203 -8.96 -6.65 -2.09
CA THR A 203 -7.77 -5.88 -1.74
C THR A 203 -6.84 -6.64 -0.80
N TYR A 204 -7.37 -7.47 0.09
CA TYR A 204 -6.51 -8.10 1.09
C TYR A 204 -6.53 -9.63 1.04
N MET A 205 -7.71 -10.25 1.05
CA MET A 205 -7.79 -11.68 1.35
C MET A 205 -7.28 -12.55 0.20
N ALA A 206 -7.97 -12.49 -0.95
CA ALA A 206 -7.61 -13.36 -2.06
C ALA A 206 -6.20 -13.11 -2.60
N PRO A 207 -5.77 -11.87 -2.86
CA PRO A 207 -4.38 -11.68 -3.31
C PRO A 207 -3.36 -12.19 -2.30
N LEU A 208 -3.61 -11.98 -1.01
CA LEU A 208 -2.66 -12.48 0.00
C LEU A 208 -2.61 -13.99 0.00
N CYS A 209 -3.76 -14.66 -0.12
CA CYS A 209 -3.77 -16.12 -0.17
C CYS A 209 -3.01 -16.64 -1.40
N LEU A 210 -3.27 -16.03 -2.56
CA LEU A 210 -2.58 -16.46 -3.77
C LEU A 210 -1.08 -16.24 -3.66
N MET A 211 -0.67 -15.08 -3.13
CA MET A 211 0.75 -14.81 -2.98
C MET A 211 1.40 -15.75 -1.98
N VAL A 212 0.69 -16.08 -0.89
CA VAL A 212 1.24 -17.02 0.09
C VAL A 212 1.44 -18.39 -0.55
N LEU A 213 0.46 -18.86 -1.32
CA LEU A 213 0.61 -20.14 -2.00
C LEU A 213 1.79 -20.12 -2.97
N ALA A 214 1.87 -19.06 -3.79
CA ALA A 214 2.94 -18.97 -4.78
C ALA A 214 4.31 -18.93 -4.11
N TYR A 215 4.45 -18.12 -3.06
CA TYR A 215 5.76 -17.99 -2.42
C TYR A 215 6.11 -19.21 -1.58
N LEU A 216 5.11 -19.94 -1.08
CA LEU A 216 5.40 -21.22 -0.44
C LEU A 216 5.95 -22.22 -1.44
N GLN A 217 5.34 -22.30 -2.63
CA GLN A 217 5.87 -23.18 -3.66
C GLN A 217 7.27 -22.73 -4.09
N ILE A 218 7.49 -21.43 -4.21
CA ILE A 218 8.81 -20.91 -4.59
C ILE A 218 9.83 -21.24 -3.52
N PHE A 219 9.47 -21.10 -2.25
CA PHE A 219 10.38 -21.44 -1.15
C PHE A 219 10.74 -22.92 -1.18
N ARG A 220 9.77 -23.79 -1.43
CA ARG A 220 10.08 -25.20 -1.56
C ARG A 220 11.01 -25.46 -2.74
N LYS A 221 10.77 -24.76 -3.86
CA LYS A 221 11.57 -25.00 -5.06
C LYS A 221 13.00 -24.49 -4.90
N LEU A 222 13.20 -23.42 -4.13
CA LEU A 222 14.51 -22.79 -4.02
C LEU A 222 15.30 -23.24 -2.79
N TRP A 223 14.64 -23.54 -1.68
CA TRP A 223 15.33 -23.88 -0.45
C TRP A 223 15.10 -25.32 0.02
N CYS A 224 14.22 -26.07 -0.64
CA CYS A 224 13.95 -27.46 -0.28
C CYS A 224 14.24 -28.40 -1.45
N ARG A 225 15.14 -28.00 -2.34
CA ARG A 225 15.47 -28.79 -3.53
C ARG A 225 16.98 -28.85 -3.70
N GLN A 226 17.44 -29.91 -4.35
CA GLN A 226 18.87 -30.13 -4.53
C GLN A 226 19.50 -29.06 -5.40
N ILE A 227 20.80 -28.83 -5.17
CA ILE A 227 21.56 -27.87 -5.97
C ILE A 227 21.90 -28.51 -7.32
N PRO A 228 21.65 -27.84 -8.44
CA PRO A 228 21.96 -28.43 -9.75
C PRO A 228 23.45 -28.50 -9.99
N GLY A 229 23.80 -29.16 -11.09
CA GLY A 229 25.20 -29.33 -11.46
C GLY A 229 25.74 -28.23 -12.35
N VAL A 230 24.87 -27.60 -13.14
CA VAL A 230 25.31 -26.53 -14.04
C VAL A 230 25.58 -25.27 -13.23
N ALA A 231 26.75 -24.67 -13.46
CA ALA A 231 27.15 -23.48 -12.70
C ALA A 231 26.19 -22.33 -12.94
N ALA A 232 25.73 -22.16 -14.18
CA ALA A 232 24.78 -21.08 -14.48
C ALA A 232 23.50 -21.24 -13.67
N GLU A 233 23.00 -22.47 -13.57
CA GLU A 233 21.82 -22.70 -12.74
C GLU A 233 22.11 -22.43 -11.27
N ILE A 234 23.33 -22.68 -10.82
CA ILE A 234 23.69 -22.39 -9.42
C ILE A 234 23.65 -20.88 -9.17
N LYS A 235 24.24 -20.10 -10.08
CA LYS A 235 24.19 -18.64 -9.92
C LYS A 235 22.76 -18.13 -9.99
N GLN A 236 21.96 -18.69 -10.90
CA GLN A 236 20.56 -18.31 -11.01
C GLN A 236 19.82 -18.62 -9.73
N ILE A 237 20.10 -19.77 -9.11
CA ILE A 237 19.44 -20.14 -7.86
C ILE A 237 19.83 -19.18 -6.74
N ARG A 238 21.11 -18.81 -6.66
CA ARG A 238 21.53 -17.87 -5.62
C ARG A 238 20.85 -16.52 -5.78
N ALA A 239 20.83 -16.00 -7.01
CA ALA A 239 20.18 -14.71 -7.26
C ALA A 239 18.68 -14.78 -6.96
N ARG A 240 18.03 -15.86 -7.39
CA ARG A 240 16.60 -16.02 -7.13
C ARG A 240 16.32 -16.21 -5.66
N ARG A 241 17.23 -16.84 -4.91
CA ARG A 241 17.05 -16.95 -3.47
C ARG A 241 17.08 -15.59 -2.80
N LYS A 242 18.05 -14.75 -3.18
CA LYS A 242 18.10 -13.40 -2.61
C LYS A 242 16.84 -12.62 -2.97
N THR A 243 16.44 -12.65 -4.24
CA THR A 243 15.26 -11.90 -4.67
C THR A 243 14.00 -12.42 -3.99
N ALA A 244 13.87 -13.74 -3.86
CA ALA A 244 12.69 -14.32 -3.24
C ALA A 244 12.63 -14.00 -1.75
N ARG A 245 13.77 -14.00 -1.07
CA ARG A 245 13.78 -13.59 0.33
C ARG A 245 13.32 -12.13 0.47
N MET A 246 13.82 -11.26 -0.40
CA MET A 246 13.38 -9.87 -0.36
C MET A 246 11.88 -9.76 -0.61
N LEU A 247 11.37 -10.49 -1.60
CA LEU A 247 9.95 -10.43 -1.94
C LEU A 247 9.09 -10.95 -0.79
N MET A 248 9.51 -12.05 -0.16
CA MET A 248 8.76 -12.60 0.96
C MET A 248 8.73 -11.64 2.13
N ILE A 249 9.85 -10.98 2.42
CA ILE A 249 9.86 -10.01 3.52
C ILE A 249 8.97 -8.82 3.19
N VAL A 250 9.00 -8.36 1.93
CA VAL A 250 8.11 -7.27 1.52
C VAL A 250 6.65 -7.68 1.69
N LEU A 251 6.31 -8.90 1.27
CA LEU A 251 4.93 -9.38 1.41
C LEU A 251 4.52 -9.47 2.87
N LEU A 252 5.40 -9.97 3.72
CA LEU A 252 5.08 -10.05 5.14
C LEU A 252 4.83 -8.68 5.74
N VAL A 253 5.68 -7.70 5.41
CA VAL A 253 5.50 -6.35 5.92
C VAL A 253 4.19 -5.75 5.40
N PHE A 254 3.89 -5.98 4.11
CA PHE A 254 2.65 -5.47 3.53
C PHE A 254 1.44 -6.06 4.26
N ALA A 255 1.46 -7.37 4.49
CA ALA A 255 0.35 -8.02 5.16
C ALA A 255 0.18 -7.50 6.58
N ILE A 256 1.29 -7.34 7.31
CA ILE A 256 1.20 -6.84 8.68
C ILE A 256 0.65 -5.42 8.70
N CYS A 257 1.11 -4.57 7.78
CA CYS A 257 0.69 -3.18 7.79
C CYS A 257 -0.76 -3.01 7.33
N TYR A 258 -1.23 -3.86 6.43
CA TYR A 258 -2.58 -3.72 5.89
C TYR A 258 -3.62 -4.57 6.62
N LEU A 259 -3.19 -5.45 7.54
CA LEU A 259 -4.16 -6.21 8.33
C LEU A 259 -5.07 -5.34 9.19
N PRO A 260 -4.56 -4.41 10.00
CA PRO A 260 -5.47 -3.70 10.92
C PRO A 260 -6.51 -2.85 10.22
N ILE A 261 -6.13 -2.11 9.17
CA ILE A 261 -7.09 -1.24 8.51
C ILE A 261 -8.17 -2.06 7.82
N SER A 262 -7.78 -3.16 7.16
CA SER A 262 -8.77 -4.02 6.50
C SER A 262 -9.71 -4.66 7.51
N ILE A 263 -9.17 -5.16 8.63
CA ILE A 263 -10.00 -5.80 9.64
C ILE A 263 -10.96 -4.79 10.26
N LEU A 264 -10.47 -3.58 10.56
CA LEU A 264 -11.34 -2.55 11.14
C LEU A 264 -12.42 -2.11 10.16
N ASN A 265 -12.07 -2.01 8.87
CA ASN A 265 -13.07 -1.67 7.86
C ASN A 265 -14.14 -2.74 7.76
N VAL A 266 -13.74 -4.02 7.82
CA VAL A 266 -14.72 -5.10 7.80
C VAL A 266 -15.61 -5.02 9.04
N LEU A 267 -15.03 -4.81 10.21
CA LEU A 267 -15.81 -4.77 11.45
C LEU A 267 -16.76 -3.60 11.49
N LYS A 268 -16.37 -2.46 10.91
CA LYS A 268 -17.23 -1.27 10.97
C LYS A 268 -18.30 -1.31 9.88
N ARG A 269 -17.97 -1.78 8.68
CA ARG A 269 -18.90 -1.74 7.57
C ARG A 269 -19.72 -3.01 7.44
N VAL A 270 -19.08 -4.18 7.52
CA VAL A 270 -19.78 -5.44 7.33
C VAL A 270 -20.50 -5.86 8.60
N PHE A 271 -19.75 -6.05 9.68
CA PHE A 271 -20.32 -6.50 10.94
C PHE A 271 -20.93 -5.36 11.75
N GLY A 272 -20.71 -4.10 11.35
CA GLY A 272 -21.31 -2.99 12.04
C GLY A 272 -20.86 -2.81 13.47
N MET A 273 -19.61 -3.14 13.77
CA MET A 273 -19.09 -2.96 15.12
C MET A 273 -18.70 -1.49 15.34
N PHE A 274 -18.27 -1.19 16.57
CA PHE A 274 -17.82 0.14 16.97
C PHE A 274 -18.91 1.19 16.83
N ALA A 275 -20.18 0.77 16.87
CA ALA A 275 -21.31 1.69 16.71
C ALA A 275 -21.96 2.03 18.03
N HIS A 276 -22.39 1.03 18.79
CA HIS A 276 -23.05 1.24 20.07
C HIS A 276 -22.07 1.37 21.23
N THR A 277 -20.78 1.41 20.95
CA THR A 277 -19.77 1.55 21.99
C THR A 277 -19.41 3.02 22.14
N GLU A 278 -19.54 3.53 23.36
CA GLU A 278 -19.18 4.92 23.64
C GLU A 278 -17.68 5.09 23.89
N ASP A 279 -16.91 4.01 23.81
CA ASP A 279 -15.45 4.08 23.98
C ASP A 279 -14.81 4.43 22.63
N ARG A 280 -15.06 5.66 22.19
CA ARG A 280 -14.51 6.14 20.93
C ARG A 280 -12.99 6.34 20.99
N GLU A 281 -12.43 6.51 22.18
CA GLU A 281 -11.01 6.81 22.30
C GLU A 281 -10.15 5.67 21.78
N THR A 282 -10.39 4.44 22.27
CA THR A 282 -9.61 3.30 21.82
C THR A 282 -9.89 2.98 20.36
N VAL A 283 -11.16 3.09 19.95
CA VAL A 283 -11.52 2.82 18.56
C VAL A 283 -10.81 3.80 17.62
N TYR A 284 -10.81 5.08 17.99
CA TYR A 284 -10.15 6.08 17.14
C TYR A 284 -8.64 5.91 17.16
N ALA A 285 -8.07 5.51 18.30
CA ALA A 285 -6.64 5.24 18.34
C ALA A 285 -6.27 4.11 17.39
N TRP A 286 -7.04 3.02 17.42
CA TRP A 286 -6.78 1.90 16.52
C TRP A 286 -6.97 2.32 15.06
N PHE A 287 -8.02 3.08 14.77
CA PHE A 287 -8.27 3.49 13.40
C PHE A 287 -7.16 4.39 12.86
N THR A 288 -6.71 5.35 13.67
CA THR A 288 -5.65 6.23 13.20
C THR A 288 -4.31 5.51 13.08
N PHE A 289 -4.04 4.55 13.97
CA PHE A 289 -2.83 3.75 13.83
C PHE A 289 -2.88 2.91 12.56
N SER A 290 -4.04 2.32 12.26
CA SER A 290 -4.18 1.55 11.03
C SER A 290 -4.02 2.43 9.80
N HIS A 291 -4.58 3.65 9.84
CA HIS A 291 -4.40 4.58 8.73
C HIS A 291 -2.92 4.93 8.55
N TRP A 292 -2.21 5.16 9.66
CA TRP A 292 -0.80 5.48 9.57
C TRP A 292 0.03 4.31 9.04
N LEU A 293 -0.40 3.07 9.34
CA LEU A 293 0.39 1.91 8.96
C LEU A 293 0.50 1.75 7.45
N VAL A 294 -0.51 2.17 6.69
CA VAL A 294 -0.46 2.03 5.23
C VAL A 294 0.67 2.88 4.66
N TYR A 295 0.69 4.17 5.04
CA TYR A 295 1.77 5.04 4.61
C TYR A 295 3.10 4.60 5.20
N ALA A 296 3.09 3.99 6.39
CA ALA A 296 4.32 3.47 6.97
C ALA A 296 4.89 2.34 6.11
N ASN A 297 4.03 1.45 5.61
CA ASN A 297 4.49 0.42 4.69
C ASN A 297 5.01 1.03 3.40
N SER A 298 4.32 2.05 2.89
CA SER A 298 4.80 2.76 1.70
C SER A 298 6.20 3.31 1.92
N ALA A 299 6.49 3.81 3.12
CA ALA A 299 7.82 4.32 3.43
C ALA A 299 8.83 3.20 3.68
N ALA A 300 8.37 2.06 4.21
CA ALA A 300 9.27 0.99 4.61
C ALA A 300 9.71 0.13 3.43
N ASN A 301 8.94 0.07 2.36
CA ASN A 301 9.34 -0.75 1.21
C ASN A 301 10.71 -0.35 0.65
N PRO A 302 11.02 0.93 0.40
CA PRO A 302 12.38 1.25 -0.09
C PRO A 302 13.47 0.89 0.89
N ILE A 303 13.22 0.98 2.20
CA ILE A 303 14.23 0.58 3.18
C ILE A 303 14.50 -0.91 3.09
N ILE A 304 13.44 -1.71 2.89
CA ILE A 304 13.60 -3.14 2.68
C ILE A 304 14.41 -3.40 1.42
N TYR A 305 14.14 -2.65 0.36
CA TYR A 305 14.92 -2.80 -0.87
C TYR A 305 16.39 -2.51 -0.61
N ASN A 306 16.68 -1.44 0.13
CA ASN A 306 18.07 -1.08 0.40
C ASN A 306 18.77 -2.14 1.23
N PHE A 307 18.09 -2.69 2.23
CA PHE A 307 18.71 -3.65 3.15
C PHE A 307 18.69 -5.09 2.65
N LEU A 308 17.98 -5.38 1.56
CA LEU A 308 17.92 -6.75 1.03
C LEU A 308 18.34 -6.88 -0.42
N SER A 309 18.57 -5.79 -1.14
CA SER A 309 19.02 -5.83 -2.51
C SER A 309 20.35 -5.10 -2.61
N GLY A 310 21.40 -5.82 -3.04
CA GLY A 310 22.69 -5.18 -3.22
C GLY A 310 22.68 -4.12 -4.30
N LYS A 311 22.02 -4.41 -5.42
CA LYS A 311 21.94 -3.44 -6.51
C LYS A 311 21.20 -2.18 -6.09
N PHE A 312 20.06 -2.35 -5.41
CA PHE A 312 19.30 -1.19 -4.93
C PHE A 312 20.12 -0.38 -3.93
N ARG A 313 20.85 -1.07 -3.04
CA ARG A 313 21.68 -0.38 -2.07
C ARG A 313 22.79 0.44 -2.76
N GLU A 314 23.46 -0.18 -3.73
CA GLU A 314 24.51 0.53 -4.45
C GLU A 314 23.95 1.73 -5.21
N GLU A 315 22.78 1.58 -5.82
CA GLU A 315 22.21 2.70 -6.57
C GLU A 315 21.70 3.79 -5.65
N PHE A 316 21.18 3.44 -4.47
CA PHE A 316 20.81 4.47 -3.50
C PHE A 316 22.03 5.24 -3.04
N LYS A 317 23.14 4.53 -2.80
CA LYS A 317 24.39 5.22 -2.43
C LYS A 317 24.86 6.12 -3.57
N ALA A 318 24.76 5.65 -4.81
CA ALA A 318 25.17 6.47 -5.95
C ALA A 318 24.31 7.71 -6.09
N ALA A 319 22.99 7.58 -5.93
CA ALA A 319 22.11 8.73 -6.01
C ALA A 319 22.39 9.71 -4.87
N PHE A 320 22.66 9.19 -3.67
CA PHE A 320 23.01 10.06 -2.56
C PHE A 320 24.31 10.82 -2.85
N SER A 321 25.30 10.13 -3.41
CA SER A 321 26.57 10.80 -3.71
C SER A 321 26.39 11.90 -4.75
N CYS A 322 25.59 11.65 -5.78
CA CYS A 322 25.36 12.66 -6.80
C CYS A 322 24.61 13.86 -6.24
N CYS A 323 23.54 13.60 -5.47
CA CYS A 323 22.71 14.68 -4.94
C CYS A 323 23.42 15.51 -3.88
N CYS A 324 24.41 14.92 -3.18
CA CYS A 324 25.07 15.62 -2.09
C CYS A 324 26.41 16.24 -2.48
N LEU A 325 27.05 15.75 -3.54
CA LEU A 325 28.33 16.32 -3.97
C LEU A 325 28.13 17.30 -5.11
C01 NRK B . -11.01 4.04 2.21
C02 NRK B . -12.16 3.22 2.73
C03 NRK B . -10.89 3.21 3.52
C04 NRK B . -10.84 3.97 4.82
C05 NRK B . -11.11 5.50 2.37
C06 NRK B . -9.99 2.00 3.45
C07 NRK B . -8.73 2.08 2.87
C08 NRK B . -7.95 0.96 2.82
C09 NRK B . -8.34 -0.25 3.32
C10 NRK B . -9.60 -0.34 3.89
C11 NRK B . -10.42 0.78 3.95
O12 NRK B . -9.50 4.45 4.97
C13 NRK B . -9.35 5.70 5.49
C14 NRK B . -8.10 6.33 5.49
N15 NRK B . -7.97 7.56 6.00
C16 NRK B . -9.05 8.15 6.50
N17 NRK B . -10.28 7.61 6.53
C18 NRK B . -10.42 6.38 6.03
O19 NRK B . -12.12 6.07 2.73
N20 NRK B . -9.92 6.15 2.15
C21 NRK B . -9.58 7.48 2.47
C22 NRK B . -10.39 8.33 3.22
C23 NRK B . -9.94 9.61 3.47
C24 NRK B . -8.71 9.96 2.99
C25 NRK B . -7.96 9.08 2.27
N26 NRK B . -8.37 7.84 2.01
C27 NRK B . -8.90 9.53 7.07
C28 NRK B . -6.88 5.67 4.92
F29 NRK B . -8.24 11.21 3.23
F30 NRK B . -6.72 1.06 2.25
#